data_6DGA
#
_entry.id   6DGA
#
_cell.length_a   54.976
_cell.length_b   53.639
_cell.length_c   28.197
_cell.angle_alpha   90.000
_cell.angle_beta   90.000
_cell.angle_gamma   90.000
#
_symmetry.space_group_name_H-M   'P 21 21 2'
#
loop_
_entity.id
_entity.type
_entity.pdbx_description
1 polymer RpfR
2 water water
#
_entity_poly.entity_id   1
_entity_poly.type   'polypeptide(L)'
_entity_poly.pdbx_seq_one_letter_code
;MKDDLDNNLLYRYCGATSPFWRLPLDSNALQLAASEEAVTSHVVPLTPEQAAQIRTMSVITSSVTLSLSLFGELVPVHLV
GRKVSRKEWAGTASA
;
_entity_poly.pdbx_strand_id   A
#
# COMPACT_ATOMS: atom_id res chain seq x y z
N MET A 1 20.08 3.10 -9.26
CA MET A 1 18.64 2.76 -9.44
C MET A 1 18.45 1.29 -9.14
N LYS A 2 17.33 0.96 -8.53
CA LYS A 2 17.01 -0.44 -8.27
C LYS A 2 16.91 -1.21 -9.58
N ASP A 3 17.40 -2.45 -9.56
CA ASP A 3 17.31 -3.31 -10.73
C ASP A 3 15.88 -3.86 -10.83
N ASP A 4 15.24 -3.64 -11.97
CA ASP A 4 13.87 -4.14 -12.14
C ASP A 4 13.77 -5.64 -12.15
N LEU A 5 14.89 -6.37 -12.23
CA LEU A 5 14.86 -7.82 -12.10
C LEU A 5 15.02 -8.28 -10.66
N ASP A 6 15.18 -7.37 -9.70
CA ASP A 6 15.15 -7.80 -8.30
C ASP A 6 13.78 -8.38 -7.98
N ASN A 7 13.76 -9.51 -7.28
CA ASN A 7 12.49 -10.12 -6.95
C ASN A 7 11.64 -9.14 -6.16
N ASN A 8 10.38 -9.01 -6.56
CA ASN A 8 9.46 -8.03 -5.99
C ASN A 8 8.37 -8.79 -5.25
N LEU A 9 8.38 -8.70 -3.92
CA LEU A 9 7.45 -9.50 -3.15
C LEU A 9 6.02 -9.02 -3.25
N LEU A 10 5.78 -7.76 -3.62
CA LEU A 10 4.41 -7.36 -3.94
C LEU A 10 3.90 -8.12 -5.15
N TYR A 11 4.74 -8.27 -6.17
CA TYR A 11 4.35 -9.02 -7.35
C TYR A 11 3.99 -10.45 -6.98
N ARG A 12 4.78 -11.07 -6.10
CA ARG A 12 4.54 -12.46 -5.71
C ARG A 12 3.31 -12.60 -4.84
N TYR A 13 2.99 -11.56 -4.05
CA TYR A 13 1.90 -11.61 -3.08
C TYR A 13 0.55 -11.22 -3.67
N CYS A 14 0.51 -10.18 -4.50
CA CYS A 14 -0.77 -9.69 -5.01
C CYS A 14 -0.86 -9.64 -6.52
N GLY A 15 0.19 -10.00 -7.25
CA GLY A 15 0.12 -10.08 -8.69
C GLY A 15 0.45 -8.81 -9.46
N ALA A 16 1.07 -7.83 -8.80
CA ALA A 16 1.48 -6.61 -9.48
C ALA A 16 2.75 -6.09 -8.83
N THR A 17 3.68 -5.60 -9.65
CA THR A 17 4.89 -4.99 -9.11
C THR A 17 4.60 -3.64 -8.48
N SER A 18 3.62 -2.91 -9.02
CA SER A 18 3.20 -1.62 -8.47
C SER A 18 1.70 -1.62 -8.25
N PRO A 19 1.23 -2.31 -7.22
CA PRO A 19 -0.21 -2.41 -6.99
C PRO A 19 -0.82 -1.10 -6.55
N PHE A 20 -2.13 -1.00 -6.76
CA PHE A 20 -2.93 0.05 -6.18
C PHE A 20 -3.30 -0.34 -4.76
N TRP A 21 -3.22 0.61 -3.85
CA TRP A 21 -3.56 0.37 -2.46
C TRP A 21 -4.70 1.29 -2.02
N ARG A 22 -5.44 0.83 -1.03
CA ARG A 22 -6.51 1.59 -0.42
C ARG A 22 -6.52 1.28 1.08
N LEU A 23 -6.71 2.31 1.88
CA LEU A 23 -6.88 2.18 3.32
C LEU A 23 -8.09 2.99 3.73
N PRO A 24 -9.12 2.38 4.32
CA PRO A 24 -10.30 3.12 4.75
C PRO A 24 -10.08 3.78 6.12
N LEU A 25 -11.09 4.55 6.54
CA LEU A 25 -11.13 5.10 7.89
C LEU A 25 -11.69 4.12 8.90
N ASP A 26 -12.32 3.02 8.46
CA ASP A 26 -13.00 2.09 9.35
C ASP A 26 -12.39 0.70 9.35
N SER A 27 -11.15 0.58 8.89
CA SER A 27 -10.46 -0.71 8.86
C SER A 27 -8.97 -0.43 8.77
N ASN A 28 -8.18 -1.33 9.36
CA ASN A 28 -6.72 -1.27 9.25
C ASN A 28 -6.17 -2.31 8.27
N ALA A 29 -7.04 -2.90 7.44
CA ALA A 29 -6.61 -3.80 6.39
C ALA A 29 -6.22 -2.95 5.18
N LEU A 30 -4.94 -3.02 4.79
CA LEU A 30 -4.48 -2.37 3.59
C LEU A 30 -4.82 -3.24 2.38
N GLN A 31 -5.63 -2.73 1.47
CA GLN A 31 -5.99 -3.44 0.25
C GLN A 31 -4.89 -3.25 -0.79
N LEU A 32 -4.49 -4.34 -1.42
CA LEU A 32 -3.54 -4.30 -2.55
C LEU A 32 -4.22 -4.92 -3.76
N ALA A 33 -4.39 -4.15 -4.83
CA ALA A 33 -5.06 -4.61 -6.03
C ALA A 33 -4.12 -4.49 -7.21
N ALA A 34 -4.07 -5.52 -8.06
CA ALA A 34 -3.20 -5.45 -9.22
C ALA A 34 -3.72 -4.45 -10.25
N SER A 35 -5.01 -4.18 -10.25
CA SER A 35 -5.59 -3.18 -11.12
C SER A 35 -6.69 -2.50 -10.34
N GLU A 36 -7.04 -1.28 -10.75
CA GLU A 36 -8.07 -0.56 -10.02
C GLU A 36 -9.45 -1.15 -10.23
N GLU A 37 -9.62 -1.99 -11.24
CA GLU A 37 -10.87 -2.70 -11.48
C GLU A 37 -10.84 -4.14 -10.98
N ALA A 38 -9.73 -4.57 -10.39
CA ALA A 38 -9.60 -5.95 -9.96
C ALA A 38 -10.68 -6.30 -8.94
N VAL A 39 -11.16 -7.54 -9.00
CA VAL A 39 -12.21 -8.00 -8.08
C VAL A 39 -11.68 -8.85 -6.94
N THR A 40 -10.41 -9.26 -6.98
CA THR A 40 -9.85 -10.07 -5.90
C THR A 40 -9.57 -9.19 -4.68
N SER A 41 -9.03 -9.80 -3.62
CA SER A 41 -8.92 -9.14 -2.32
C SER A 41 -7.64 -9.55 -1.58
N HIS A 42 -6.49 -9.13 -2.10
CA HIS A 42 -5.25 -9.24 -1.34
C HIS A 42 -5.20 -8.12 -0.31
N VAL A 43 -4.95 -8.48 0.94
CA VAL A 43 -4.85 -7.49 2.00
C VAL A 43 -3.60 -7.72 2.84
N VAL A 44 -3.15 -6.65 3.48
CA VAL A 44 -2.10 -6.72 4.49
C VAL A 44 -2.68 -6.13 5.77
N PRO A 45 -2.76 -6.89 6.86
CA PRO A 45 -3.26 -6.31 8.11
C PRO A 45 -2.23 -5.39 8.72
N LEU A 46 -2.48 -4.09 8.72
CA LEU A 46 -1.55 -3.14 9.30
C LEU A 46 -1.74 -3.09 10.81
N THR A 47 -0.64 -2.79 11.51
CA THR A 47 -0.79 -2.52 12.93
C THR A 47 -1.49 -1.17 13.09
N PRO A 48 -2.04 -0.89 14.27
CA PRO A 48 -2.68 0.41 14.46
C PRO A 48 -1.76 1.57 14.18
N GLU A 49 -0.48 1.46 14.55
CA GLU A 49 0.45 2.55 14.30
C GLU A 49 0.78 2.70 12.82
N GLN A 50 0.95 1.59 12.10
CA GLN A 50 1.19 1.69 10.66
C GLN A 50 0.02 2.35 9.96
N ALA A 51 -1.21 1.95 10.30
CA ALA A 51 -2.38 2.55 9.69
C ALA A 51 -2.49 4.02 10.04
N ALA A 52 -2.21 4.39 11.30
CA ALA A 52 -2.24 5.80 11.68
C ALA A 52 -1.22 6.60 10.88
N GLN A 53 -0.08 6.00 10.55
CA GLN A 53 0.94 6.69 9.76
C GLN A 53 0.42 6.99 8.36
N ILE A 54 -0.24 6.03 7.72
CA ILE A 54 -0.83 6.30 6.41
C ILE A 54 -1.82 7.44 6.52
N ARG A 55 -2.62 7.44 7.58
CA ARG A 55 -3.67 8.44 7.71
C ARG A 55 -3.13 9.83 8.03
N THR A 56 -1.81 10.00 8.23
CA THR A 56 -1.26 11.35 8.30
C THR A 56 -1.22 12.00 6.91
N MET A 57 -1.35 11.20 5.85
CA MET A 57 -1.38 11.75 4.51
CA MET A 57 -1.37 11.76 4.51
C MET A 57 -2.60 12.65 4.36
N SER A 58 -2.40 13.80 3.73
CA SER A 58 -3.48 14.75 3.47
C SER A 58 -4.04 14.50 2.07
N VAL A 59 -4.86 15.43 1.59
CA VAL A 59 -5.43 15.32 0.26
C VAL A 59 -4.43 15.60 -0.84
N ILE A 60 -3.24 16.08 -0.51
CA ILE A 60 -2.20 16.29 -1.49
CA ILE A 60 -2.19 16.29 -1.49
C ILE A 60 -1.31 15.06 -1.52
N THR A 61 -0.81 14.73 -2.71
CA THR A 61 0.02 13.55 -2.87
C THR A 61 1.26 13.63 -1.99
N SER A 62 1.59 12.53 -1.33
CA SER A 62 2.83 12.39 -0.58
C SER A 62 3.19 10.92 -0.54
N SER A 63 4.26 10.61 0.19
CA SER A 63 4.80 9.26 0.29
C SER A 63 4.99 8.88 1.75
N VAL A 64 4.74 7.61 2.04
CA VAL A 64 5.05 6.99 3.32
C VAL A 64 5.63 5.62 3.00
N THR A 65 6.68 5.23 3.72
CA THR A 65 7.28 3.91 3.57
C THR A 65 7.00 3.11 4.82
N LEU A 66 6.45 1.91 4.65
CA LEU A 66 6.17 1.00 5.74
C LEU A 66 6.98 -0.26 5.55
N SER A 67 7.41 -0.86 6.66
CA SER A 67 8.04 -2.17 6.65
C SER A 67 6.94 -3.20 6.83
N LEU A 68 6.57 -3.86 5.74
CA LEU A 68 5.53 -4.88 5.78
C LEU A 68 6.14 -6.26 5.75
N SER A 69 5.48 -7.17 6.44
CA SER A 69 5.89 -8.56 6.45
C SER A 69 5.14 -9.27 5.34
N LEU A 70 5.88 -9.68 4.30
CA LEU A 70 5.33 -10.47 3.21
C LEU A 70 6.12 -11.77 3.20
N PHE A 71 5.41 -12.88 3.31
CA PHE A 71 6.07 -14.19 3.31
C PHE A 71 7.09 -14.28 4.44
N GLY A 72 6.78 -13.63 5.56
CA GLY A 72 7.64 -13.67 6.72
C GLY A 72 8.92 -12.88 6.60
N GLU A 73 9.02 -12.02 5.59
CA GLU A 73 10.20 -11.21 5.33
C GLU A 73 9.79 -9.74 5.37
N LEU A 74 10.60 -8.91 6.03
CA LEU A 74 10.31 -7.48 6.13
C LEU A 74 10.70 -6.79 4.84
N VAL A 75 9.74 -6.15 4.19
CA VAL A 75 9.92 -5.53 2.88
C VAL A 75 9.60 -4.05 3.02
N PRO A 76 10.52 -3.15 2.72
CA PRO A 76 10.14 -1.72 2.62
C PRO A 76 9.16 -1.55 1.46
N VAL A 77 7.98 -1.03 1.76
CA VAL A 77 6.93 -0.79 0.77
C VAL A 77 6.68 0.71 0.72
N HIS A 78 6.86 1.29 -0.47
CA HIS A 78 6.77 2.74 -0.64
C HIS A 78 5.39 3.06 -1.18
N LEU A 79 4.57 3.71 -0.34
CA LEU A 79 3.20 4.07 -0.68
C LEU A 79 3.16 5.54 -1.08
N VAL A 80 2.80 5.80 -2.34
CA VAL A 80 2.56 7.15 -2.82
C VAL A 80 1.05 7.28 -2.97
N GLY A 81 0.50 8.36 -2.43
CA GLY A 81 -0.94 8.54 -2.56
C GLY A 81 -1.39 9.72 -1.73
N ARG A 82 -2.66 9.66 -1.36
CA ARG A 82 -3.28 10.79 -0.69
C ARG A 82 -4.63 10.36 -0.13
N LYS A 83 -5.21 11.25 0.67
CA LYS A 83 -6.57 11.09 1.14
C LYS A 83 -7.48 11.44 -0.02
N VAL A 84 -8.11 10.42 -0.62
CA VAL A 84 -8.90 10.61 -1.84
C VAL A 84 -10.35 10.96 -1.57
N SER A 85 -10.85 10.71 -0.36
CA SER A 85 -12.21 11.06 0.03
C SER A 85 -12.22 11.25 1.53
N ARG A 86 -13.37 11.68 2.07
CA ARG A 86 -13.46 11.92 3.51
C ARG A 86 -12.99 10.72 4.32
N LYS A 87 -13.19 9.50 3.81
CA LYS A 87 -12.92 8.31 4.61
C LYS A 87 -12.05 7.29 3.89
N GLU A 88 -11.21 7.71 2.95
CA GLU A 88 -10.35 6.76 2.25
C GLU A 88 -9.05 7.42 1.82
N TRP A 89 -7.97 6.64 1.96
CA TRP A 89 -6.65 6.93 1.42
C TRP A 89 -6.35 5.91 0.32
N ALA A 90 -5.68 6.35 -0.75
CA ALA A 90 -5.40 5.43 -1.84
C ALA A 90 -4.21 5.93 -2.64
N GLY A 91 -3.57 5.01 -3.35
CA GLY A 91 -2.49 5.38 -4.24
C GLY A 91 -1.85 4.16 -4.85
N THR A 92 -0.57 4.27 -5.16
CA THR A 92 0.20 3.18 -5.74
C THR A 92 1.35 2.82 -4.81
N ALA A 93 1.75 1.54 -4.83
CA ALA A 93 2.82 1.03 -3.99
C ALA A 93 3.94 0.50 -4.86
N SER A 94 5.16 0.52 -4.32
CA SER A 94 6.31 -0.11 -4.96
C SER A 94 7.16 -0.79 -3.89
N ALA A 95 7.96 -1.76 -4.35
CA ALA A 95 8.81 -2.56 -3.46
C ALA A 95 9.88 -3.31 -4.24
#